data_8VAB
#
_entry.id   8VAB
#
_cell.length_a   92.882
_cell.length_b   92.882
_cell.length_c   122.743
_cell.angle_alpha   90.000
_cell.angle_beta   90.000
_cell.angle_gamma   120.000
#
_symmetry.space_group_name_H-M   'P 62 2 2'
#
loop_
_entity.id
_entity.type
_entity.pdbx_description
1 polymer '4-aminobenzoate synthase'
2 non-polymer 'FE (II) ION'
3 water water
#
_entity_poly.entity_id   1
_entity_poly.type   'polypeptide(L)'
_entity_poly.pdbx_seq_one_letter_code
;MGSSHHHHHHSSGLVPRGSHMMEVFMNFLDQLDLIIQNKHMLEHTFYVKWSKGELTKEQLQAYAKDYYLHIKAFPKYLSA
IHSRCDDLEARKLLLDNLMDEENGYPNHIDLWKQFVFALGVTPEELEAHEPSEAAKAKVATFMRWCTGDSLAAGVAALYS
YESQIPRIAREKIRGLTEYFGFSNPEDYAYFTEHEEADVRHAREEKALIEMLLKDDADKVLEASQEVTQSLYGFLDSFLD
;
_entity_poly.pdbx_strand_id   A
#
loop_
_chem_comp.id
_chem_comp.type
_chem_comp.name
_chem_comp.formula
FE2 non-polymer 'FE (II) ION' 'Fe 2'
#
# COMPACT_ATOMS: atom_id res chain seq x y z
N MET A 26 -8.03 -18.61 19.46
CA MET A 26 -6.97 -18.03 18.62
C MET A 26 -6.75 -16.53 18.86
N ASN A 27 -5.49 -16.09 18.78
CA ASN A 27 -5.13 -14.70 19.03
C ASN A 27 -5.41 -13.88 17.77
N PHE A 28 -5.91 -12.67 17.98
CA PHE A 28 -6.53 -11.95 16.87
C PHE A 28 -5.48 -11.41 15.90
N LEU A 29 -4.28 -11.11 16.40
CA LEU A 29 -3.17 -10.77 15.51
C LEU A 29 -2.81 -11.95 14.61
N ASP A 30 -2.88 -13.17 15.14
CA ASP A 30 -2.69 -14.33 14.28
C ASP A 30 -3.82 -14.45 13.29
N GLN A 31 -5.06 -14.30 13.76
CA GLN A 31 -6.17 -14.27 12.83
C GLN A 31 -5.95 -13.19 11.78
N LEU A 32 -5.42 -12.04 12.21
CA LEU A 32 -5.20 -10.92 11.30
C LEU A 32 -4.24 -11.29 10.18
N ASP A 33 -3.12 -11.90 10.54
CA ASP A 33 -2.13 -12.28 9.54
C ASP A 33 -2.68 -13.35 8.61
N LEU A 34 -3.42 -14.31 9.16
CA LEU A 34 -3.98 -15.38 8.34
C LEU A 34 -4.91 -14.84 7.27
N ILE A 35 -5.71 -13.82 7.61
CA ILE A 35 -6.57 -13.19 6.62
C ILE A 35 -5.74 -12.67 5.46
N ILE A 36 -4.66 -11.95 5.75
CA ILE A 36 -3.82 -11.41 4.69
C ILE A 36 -3.12 -12.53 3.94
N GLN A 37 -2.65 -13.56 4.65
CA GLN A 37 -2.01 -14.69 3.99
C GLN A 37 -2.96 -15.35 2.99
N ASN A 38 -4.26 -15.30 3.25
CA ASN A 38 -5.27 -16.00 2.48
C ASN A 38 -5.95 -15.12 1.43
N LYS A 39 -5.56 -13.87 1.28
CA LYS A 39 -6.02 -12.96 0.23
C LYS A 39 -4.89 -11.96 0.05
N HIS A 40 -3.79 -12.46 -0.48
CA HIS A 40 -2.53 -11.75 -0.61
C HIS A 40 -2.29 -11.40 -2.08
N MET A 41 -1.94 -10.15 -2.34
CA MET A 41 -1.87 -9.67 -3.71
C MET A 41 -0.92 -10.49 -4.58
N LEU A 42 0.13 -11.07 -4.00
CA LEU A 42 1.05 -11.88 -4.78
C LEU A 42 0.36 -13.12 -5.36
N GLU A 43 -0.73 -13.58 -4.75
CA GLU A 43 -1.50 -14.68 -5.32
C GLU A 43 -2.52 -14.22 -6.36
N HIS A 44 -2.72 -12.91 -6.53
CA HIS A 44 -3.67 -12.40 -7.51
C HIS A 44 -3.12 -12.59 -8.91
N THR A 45 -4.04 -12.82 -9.85
CA THR A 45 -3.66 -13.04 -11.23
C THR A 45 -2.70 -11.98 -11.73
N PHE A 46 -3.01 -10.70 -11.46
CA PHE A 46 -2.20 -9.62 -11.99
C PHE A 46 -0.72 -9.77 -11.61
N TYR A 47 -0.44 -10.12 -10.36
CA TYR A 47 0.96 -10.22 -9.93
C TYR A 47 1.56 -11.58 -10.23
N VAL A 48 0.75 -12.63 -10.28
CA VAL A 48 1.19 -13.87 -10.90
C VAL A 48 1.57 -13.62 -12.35
N LYS A 49 0.69 -12.93 -13.09
CA LYS A 49 0.99 -12.53 -14.47
C LYS A 49 2.28 -11.71 -14.53
N TRP A 50 2.45 -10.80 -13.58
CA TRP A 50 3.71 -10.07 -13.48
C TRP A 50 4.87 -11.05 -13.25
N SER A 51 4.66 -12.05 -12.38
CA SER A 51 5.74 -12.95 -11.99
C SER A 51 6.28 -13.72 -13.19
N LYS A 52 5.38 -14.26 -14.03
CA LYS A 52 5.79 -14.93 -15.26
C LYS A 52 6.15 -13.96 -16.38
N GLY A 53 5.95 -12.65 -16.19
CA GLY A 53 6.22 -11.63 -17.19
C GLY A 53 5.07 -11.29 -18.11
N GLU A 54 3.92 -11.95 -17.95
CA GLU A 54 2.84 -11.92 -18.95
C GLU A 54 1.95 -10.67 -18.79
N LEU A 55 2.58 -9.50 -18.91
CA LEU A 55 1.89 -8.22 -18.70
C LEU A 55 2.40 -7.18 -19.70
N THR A 56 1.47 -6.54 -20.40
CA THR A 56 1.81 -5.58 -21.45
C THR A 56 2.33 -4.27 -20.85
N LYS A 57 3.16 -3.57 -21.64
CA LYS A 57 3.54 -2.20 -21.27
C LYS A 57 2.31 -1.31 -21.18
N GLU A 58 1.28 -1.61 -21.98
CA GLU A 58 0.02 -0.90 -21.83
C GLU A 58 -0.62 -1.18 -20.47
N GLN A 59 -0.41 -2.37 -19.92
CA GLN A 59 -1.00 -2.68 -18.63
C GLN A 59 -0.21 -2.07 -17.48
N LEU A 60 1.12 -2.07 -17.58
CA LEU A 60 1.90 -1.50 -16.49
C LEU A 60 1.68 0.01 -16.40
N GLN A 61 1.74 0.72 -17.52
CA GLN A 61 1.53 2.16 -17.48
C GLN A 61 0.14 2.52 -16.96
N ALA A 62 -0.84 1.65 -17.19
CA ALA A 62 -2.17 1.92 -16.65
C ALA A 62 -2.19 1.70 -15.15
N TYR A 63 -1.49 0.68 -14.67
CA TYR A 63 -1.46 0.41 -13.25
C TYR A 63 -0.63 1.47 -12.52
N ALA A 64 0.53 1.83 -13.08
CA ALA A 64 1.32 2.91 -12.50
C ALA A 64 0.52 4.21 -12.42
N LYS A 65 -0.31 4.48 -13.40
CA LYS A 65 -1.10 5.70 -13.35
C LYS A 65 -2.25 5.56 -12.36
N ASP A 66 -2.94 4.41 -12.40
CA ASP A 66 -4.08 4.22 -11.52
C ASP A 66 -3.68 4.06 -10.06
N TYR A 67 -2.43 3.71 -9.79
CA TYR A 67 -1.99 3.61 -8.40
C TYR A 67 -1.74 4.96 -7.76
N TYR A 68 -1.58 5.99 -8.60
CA TYR A 68 -1.10 7.28 -8.12
C TYR A 68 -2.05 7.88 -7.09
N LEU A 69 -3.36 7.61 -7.21
CA LEU A 69 -4.30 8.20 -6.27
C LEU A 69 -4.08 7.66 -4.86
N HIS A 70 -3.84 6.36 -4.74
CA HIS A 70 -3.54 5.74 -3.45
C HIS A 70 -2.22 6.23 -2.91
N ILE A 71 -1.23 6.43 -3.80
CA ILE A 71 0.08 6.86 -3.37
C ILE A 71 0.02 8.28 -2.79
N LYS A 72 -0.75 9.17 -3.42
CA LYS A 72 -0.86 10.53 -2.90
C LYS A 72 -1.67 10.57 -1.61
N ALA A 73 -2.54 9.59 -1.41
CA ALA A 73 -3.47 9.59 -0.29
C ALA A 73 -2.89 8.92 0.94
N PHE A 74 -1.85 8.11 0.79
CA PHE A 74 -1.35 7.36 1.93
C PHE A 74 -0.97 8.25 3.11
N PRO A 75 -0.32 9.40 2.92
CA PRO A 75 -0.10 10.29 4.08
C PRO A 75 -1.39 10.63 4.83
N LYS A 76 -2.48 10.88 4.10
CA LYS A 76 -3.72 11.26 4.75
C LYS A 76 -4.28 10.10 5.57
N TYR A 77 -4.09 8.86 5.13
CA TYR A 77 -4.47 7.72 5.96
C TYR A 77 -3.82 7.83 7.33
N LEU A 78 -2.52 8.11 7.35
CA LEU A 78 -1.79 8.15 8.61
C LEU A 78 -2.22 9.34 9.47
N SER A 79 -2.20 10.54 8.90
CA SER A 79 -2.65 11.71 9.64
C SER A 79 -4.12 11.60 10.06
N ALA A 80 -4.92 10.82 9.34
CA ALA A 80 -6.32 10.68 9.76
C ALA A 80 -6.41 9.96 11.09
N ILE A 81 -5.58 8.94 11.30
CA ILE A 81 -5.58 8.20 12.56
C ILE A 81 -4.91 9.04 13.64
N HIS A 82 -3.73 9.58 13.34
CA HIS A 82 -3.04 10.44 14.28
C HIS A 82 -3.96 11.53 14.80
N SER A 83 -4.72 12.16 13.91
CA SER A 83 -5.52 13.32 14.29
C SER A 83 -6.66 12.94 15.22
N ARG A 84 -7.00 11.65 15.32
CA ARG A 84 -8.05 11.18 16.21
C ARG A 84 -7.47 10.43 17.41
N CYS A 85 -6.18 10.61 17.71
CA CYS A 85 -5.51 9.75 18.66
C CYS A 85 -4.98 10.55 19.85
N ASP A 86 -5.19 10.00 21.04
CA ASP A 86 -4.69 10.61 22.24
C ASP A 86 -3.56 9.84 22.91
N ASP A 87 -3.26 8.63 22.43
CA ASP A 87 -2.08 7.91 22.90
C ASP A 87 -0.83 8.61 22.37
N LEU A 88 -0.09 9.27 23.28
CA LEU A 88 1.05 10.09 22.86
C LEU A 88 2.17 9.25 22.27
N GLU A 89 2.35 8.01 22.72
CA GLU A 89 3.40 7.19 22.15
C GLU A 89 2.98 6.62 20.81
N ALA A 90 1.68 6.37 20.66
CA ALA A 90 1.17 5.88 19.39
C ALA A 90 1.31 6.93 18.30
N ARG A 91 1.03 8.20 18.64
CA ARG A 91 1.12 9.30 17.69
C ARG A 91 2.52 9.43 17.14
N LYS A 92 3.52 9.30 18.01
CA LYS A 92 4.89 9.44 17.56
C LYS A 92 5.25 8.32 16.58
N LEU A 93 4.70 7.13 16.79
CA LEU A 93 4.88 6.04 15.83
C LEU A 93 4.19 6.35 14.50
N LEU A 94 2.93 6.83 14.56
CA LEU A 94 2.23 7.22 13.34
C LEU A 94 2.99 8.31 12.60
N LEU A 95 3.53 9.29 13.34
CA LEU A 95 4.37 10.34 12.77
C LEU A 95 5.63 9.77 12.10
N ASP A 96 6.24 8.74 12.68
CA ASP A 96 7.43 8.17 12.08
C ASP A 96 7.13 7.57 10.70
N ASN A 97 6.04 6.80 10.59
CA ASN A 97 5.59 6.35 9.27
C ASN A 97 5.34 7.56 8.36
N LEU A 98 4.49 8.51 8.80
CA LEU A 98 4.17 9.67 7.97
C LEU A 98 5.41 10.40 7.50
N MET A 99 6.40 10.54 8.40
CA MET A 99 7.62 11.25 8.05
C MET A 99 8.40 10.53 6.96
N ASP A 100 8.48 9.19 7.04
CA ASP A 100 9.10 8.40 5.99
C ASP A 100 8.31 8.49 4.68
N GLU A 101 6.99 8.59 4.77
CA GLU A 101 6.18 8.67 3.56
C GLU A 101 6.39 9.98 2.85
N GLU A 102 6.26 11.10 3.57
CA GLU A 102 6.08 12.40 2.95
C GLU A 102 7.22 13.38 3.17
N ASN A 103 8.12 13.11 4.10
CA ASN A 103 9.15 14.10 4.37
C ASN A 103 10.36 13.91 3.46
N GLY A 104 10.98 15.03 3.10
CA GLY A 104 12.16 15.05 2.26
C GLY A 104 11.86 15.03 0.76
N TYR A 105 12.92 15.31 -0.04
CA TYR A 105 12.96 14.96 -1.46
C TYR A 105 14.01 13.88 -1.64
N PRO A 106 13.66 12.73 -2.24
CA PRO A 106 12.33 12.37 -2.75
C PRO A 106 11.51 11.57 -1.74
N ASN A 107 10.32 12.08 -1.39
CA ASN A 107 9.42 11.31 -0.57
C ASN A 107 8.90 10.12 -1.37
N HIS A 108 8.08 9.27 -0.73
CA HIS A 108 7.59 8.09 -1.43
C HIS A 108 6.73 8.47 -2.62
N ILE A 109 6.10 9.64 -2.59
CA ILE A 109 5.31 10.09 -3.72
C ILE A 109 6.23 10.38 -4.90
N ASP A 110 7.33 11.08 -4.65
CA ASP A 110 8.31 11.35 -5.70
C ASP A 110 8.87 10.07 -6.29
N LEU A 111 9.18 9.08 -5.43
CA LEU A 111 9.71 7.80 -5.93
C LEU A 111 8.74 7.12 -6.88
N TRP A 112 7.45 7.07 -6.53
CA TRP A 112 6.49 6.49 -7.46
C TRP A 112 6.53 7.20 -8.79
N LYS A 113 6.56 8.53 -8.76
CA LYS A 113 6.63 9.29 -9.99
C LYS A 113 7.79 8.81 -10.85
N GLN A 114 8.96 8.61 -10.24
CA GLN A 114 10.11 8.10 -10.96
C GLN A 114 9.80 6.77 -11.63
N PHE A 115 9.11 5.88 -10.93
CA PHE A 115 8.67 4.65 -11.56
C PHE A 115 7.65 4.93 -12.67
N VAL A 116 6.69 5.84 -12.44
CA VAL A 116 5.67 6.12 -13.45
C VAL A 116 6.31 6.69 -14.71
N PHE A 117 7.37 7.49 -14.56
CA PHE A 117 8.00 8.11 -15.72
C PHE A 117 8.96 7.16 -16.41
N ALA A 118 9.61 6.28 -15.65
CA ALA A 118 10.48 5.27 -16.23
C ALA A 118 9.69 4.24 -17.04
N LEU A 119 8.42 4.02 -16.68
CA LEU A 119 7.54 3.16 -17.46
C LEU A 119 7.27 3.73 -18.85
N GLY A 120 7.59 5.00 -19.09
CA GLY A 120 7.30 5.66 -20.33
C GLY A 120 6.29 6.78 -20.23
N VAL A 121 5.46 6.81 -19.18
CA VAL A 121 4.44 7.84 -19.06
C VAL A 121 5.09 9.21 -18.94
N THR A 122 4.53 10.16 -19.65
CA THR A 122 4.97 11.54 -19.55
C THR A 122 4.39 12.20 -18.29
N PRO A 123 5.11 13.17 -17.72
CA PRO A 123 4.55 13.90 -16.57
C PRO A 123 3.14 14.41 -16.81
N GLU A 124 2.93 15.09 -17.94
CA GLU A 124 1.60 15.62 -18.25
C GLU A 124 0.55 14.52 -18.24
N GLU A 125 0.83 13.38 -18.87
CA GLU A 125 -0.19 12.33 -18.96
C GLU A 125 -0.56 11.80 -17.59
N LEU A 126 0.44 11.63 -16.70
CA LEU A 126 0.15 11.18 -15.34
C LEU A 126 -0.68 12.20 -14.57
N GLU A 127 -0.30 13.48 -14.64
CA GLU A 127 -1.07 14.48 -13.92
C GLU A 127 -2.46 14.66 -14.52
N ALA A 128 -2.62 14.37 -15.82
CA ALA A 128 -3.91 14.50 -16.50
C ALA A 128 -4.77 13.24 -16.40
N HIS A 129 -4.21 12.16 -15.85
CA HIS A 129 -4.93 10.91 -15.71
C HIS A 129 -6.05 11.05 -14.69
N GLU A 130 -7.24 10.57 -15.04
CA GLU A 130 -8.35 10.55 -14.10
C GLU A 130 -8.47 9.15 -13.53
N PRO A 131 -8.38 8.97 -12.21
CA PRO A 131 -8.24 7.61 -11.66
C PRO A 131 -9.50 6.80 -11.85
N SER A 132 -9.30 5.49 -12.01
CA SER A 132 -10.43 4.60 -12.19
C SER A 132 -11.32 4.61 -10.95
N GLU A 133 -12.57 4.18 -11.13
CA GLU A 133 -13.40 3.95 -9.96
C GLU A 133 -12.93 2.73 -9.20
N ALA A 134 -12.19 1.84 -9.85
CA ALA A 134 -11.51 0.78 -9.12
C ALA A 134 -10.59 1.39 -8.07
N ALA A 135 -9.76 2.34 -8.49
CA ALA A 135 -8.80 2.91 -7.57
C ALA A 135 -9.49 3.76 -6.52
N LYS A 136 -10.53 4.50 -6.92
CA LYS A 136 -11.25 5.33 -5.96
C LYS A 136 -11.89 4.49 -4.86
N ALA A 137 -12.22 3.23 -5.17
CA ALA A 137 -12.85 2.37 -4.18
C ALA A 137 -11.82 1.84 -3.19
N LYS A 138 -10.63 1.51 -3.70
CA LYS A 138 -9.53 1.14 -2.83
C LYS A 138 -9.26 2.24 -1.83
N VAL A 139 -8.93 3.44 -2.32
CA VAL A 139 -8.65 4.56 -1.44
C VAL A 139 -9.80 4.78 -0.46
N ALA A 140 -11.02 4.84 -0.97
CA ALA A 140 -12.17 5.09 -0.10
C ALA A 140 -12.30 4.03 0.98
N THR A 141 -11.84 2.82 0.71
CA THR A 141 -11.92 1.78 1.72
C THR A 141 -10.97 2.07 2.86
N PHE A 142 -9.73 2.43 2.53
CA PHE A 142 -8.77 2.83 3.54
C PHE A 142 -9.28 4.04 4.33
N MET A 143 -9.74 5.08 3.63
CA MET A 143 -10.09 6.30 4.35
C MET A 143 -11.27 6.06 5.27
N ARG A 144 -12.18 5.15 4.88
CA ARG A 144 -13.32 4.84 5.72
C ARG A 144 -12.84 4.30 7.06
N TRP A 145 -11.85 3.39 7.03
CA TRP A 145 -11.33 2.84 8.27
C TRP A 145 -10.46 3.84 9.02
N CYS A 146 -9.60 4.58 8.32
CA CYS A 146 -8.69 5.51 9.00
C CYS A 146 -9.41 6.70 9.63
N THR A 147 -10.63 7.00 9.17
CA THR A 147 -11.46 8.03 9.76
C THR A 147 -12.59 7.47 10.60
N GLY A 148 -12.71 6.15 10.69
CA GLY A 148 -13.74 5.51 11.47
C GLY A 148 -13.49 5.66 12.95
N ASP A 149 -14.29 4.95 13.73
CA ASP A 149 -14.34 5.13 15.18
C ASP A 149 -13.44 4.17 15.96
N SER A 150 -12.61 3.38 15.29
CA SER A 150 -11.72 2.42 15.94
C SER A 150 -10.30 2.70 15.48
N LEU A 151 -9.46 3.26 16.35
CA LEU A 151 -8.09 3.56 15.95
C LEU A 151 -7.33 2.29 15.59
N ALA A 152 -7.60 1.18 16.28
CA ALA A 152 -6.89 -0.05 15.95
C ALA A 152 -7.35 -0.62 14.62
N ALA A 153 -8.61 -0.40 14.25
CA ALA A 153 -9.06 -0.86 12.94
C ALA A 153 -8.41 -0.05 11.83
N GLY A 154 -8.25 1.26 12.03
CA GLY A 154 -7.54 2.07 11.05
C GLY A 154 -6.11 1.62 10.84
N VAL A 155 -5.41 1.28 11.93
CA VAL A 155 -4.05 0.78 11.77
C VAL A 155 -4.08 -0.58 11.13
N ALA A 156 -5.11 -1.38 11.42
CA ALA A 156 -5.21 -2.70 10.79
C ALA A 156 -5.49 -2.57 9.30
N ALA A 157 -6.30 -1.60 8.89
CA ALA A 157 -6.50 -1.35 7.47
C ALA A 157 -5.15 -1.07 6.80
N LEU A 158 -4.36 -0.18 7.39
CA LEU A 158 -3.07 0.10 6.80
C LEU A 158 -2.15 -1.10 6.92
N TYR A 159 -2.22 -1.82 8.05
CA TYR A 159 -1.31 -2.94 8.24
C TYR A 159 -1.56 -4.06 7.23
N SER A 160 -2.82 -4.31 6.89
CA SER A 160 -3.18 -5.37 5.97
C SER A 160 -2.66 -5.11 4.57
N TYR A 161 -2.22 -3.89 4.29
CA TYR A 161 -1.55 -3.57 3.04
C TYR A 161 -0.04 -3.52 3.22
N GLU A 162 0.44 -2.76 4.18
CA GLU A 162 1.87 -2.56 4.29
C GLU A 162 2.60 -3.85 4.62
N SER A 163 1.94 -4.79 5.30
CA SER A 163 2.66 -6.03 5.62
C SER A 163 2.86 -6.91 4.40
N GLN A 164 2.05 -6.74 3.35
CA GLN A 164 2.31 -7.45 2.10
C GLN A 164 3.40 -6.80 1.29
N ILE A 165 3.60 -5.49 1.47
CA ILE A 165 4.41 -4.72 0.53
C ILE A 165 5.83 -5.26 0.41
N PRO A 166 6.56 -5.55 1.49
CA PRO A 166 7.97 -5.97 1.31
C PRO A 166 8.18 -7.14 0.34
N ARG A 167 7.41 -8.22 0.48
CA ARG A 167 7.53 -9.34 -0.45
C ARG A 167 7.04 -8.95 -1.84
N ILE A 168 5.99 -8.13 -1.93
CA ILE A 168 5.51 -7.66 -3.23
C ILE A 168 6.61 -6.89 -3.96
N ALA A 169 7.31 -6.00 -3.24
CA ALA A 169 8.35 -5.20 -3.89
C ALA A 169 9.46 -6.09 -4.42
N ARG A 170 9.97 -6.98 -3.57
CA ARG A 170 11.03 -7.90 -3.97
C ARG A 170 10.69 -8.61 -5.29
N GLU A 171 9.51 -9.23 -5.36
CA GLU A 171 9.14 -9.90 -6.60
C GLU A 171 8.86 -8.92 -7.73
N LYS A 172 8.51 -7.67 -7.42
CA LYS A 172 8.26 -6.69 -8.46
C LYS A 172 9.55 -6.12 -9.04
N ILE A 173 10.64 -6.02 -8.25
CA ILE A 173 11.94 -5.68 -8.85
C ILE A 173 12.37 -6.78 -9.82
N ARG A 174 12.24 -8.04 -9.41
CA ARG A 174 12.62 -9.14 -10.28
C ARG A 174 11.89 -9.05 -11.62
N GLY A 175 10.57 -8.83 -11.58
CA GLY A 175 9.79 -8.75 -12.81
C GLY A 175 10.10 -7.54 -13.67
N LEU A 176 10.58 -6.45 -13.06
CA LEU A 176 11.01 -5.30 -13.84
C LEU A 176 12.36 -5.54 -14.48
N THR A 177 13.18 -6.42 -13.91
CA THR A 177 14.51 -6.73 -14.44
C THR A 177 14.40 -7.80 -15.53
N GLU A 178 14.12 -9.04 -15.14
CA GLU A 178 14.09 -10.14 -16.09
C GLU A 178 12.86 -10.14 -17.00
N TYR A 179 12.19 -9.02 -17.25
CA TYR A 179 11.00 -9.04 -18.11
C TYR A 179 10.69 -7.72 -18.80
N PHE A 180 10.92 -6.60 -18.11
CA PHE A 180 10.45 -5.31 -18.62
C PHE A 180 11.57 -4.31 -18.89
N GLY A 181 12.82 -4.76 -18.92
CA GLY A 181 13.88 -3.89 -19.38
C GLY A 181 14.26 -2.78 -18.44
N PHE A 182 14.14 -3.00 -17.14
CA PHE A 182 14.56 -1.98 -16.18
C PHE A 182 16.05 -2.11 -15.96
N SER A 183 16.81 -1.30 -16.71
CA SER A 183 18.25 -1.23 -16.55
C SER A 183 18.63 -0.36 -15.36
N ASN A 184 18.26 0.92 -15.39
CA ASN A 184 18.69 1.87 -14.37
C ASN A 184 18.02 1.55 -13.02
N PRO A 185 18.80 1.37 -11.94
CA PRO A 185 18.18 1.12 -10.62
C PRO A 185 17.32 2.26 -10.11
N GLU A 186 17.77 3.51 -10.31
CA GLU A 186 17.01 4.69 -9.91
C GLU A 186 15.59 4.69 -10.51
N ASP A 187 15.34 3.80 -11.47
CA ASP A 187 14.04 3.68 -12.12
C ASP A 187 13.03 2.86 -11.33
N TYR A 188 13.49 2.05 -10.36
CA TYR A 188 12.58 1.32 -9.48
C TYR A 188 12.93 1.58 -8.03
N ALA A 189 13.41 2.79 -7.72
CA ALA A 189 13.84 3.12 -6.37
C ALA A 189 12.69 3.05 -5.38
N TYR A 190 11.46 3.32 -5.81
CA TYR A 190 10.32 3.22 -4.91
C TYR A 190 10.24 1.82 -4.32
N PHE A 191 10.42 0.80 -5.16
CA PHE A 191 10.34 -0.57 -4.70
C PHE A 191 11.56 -0.98 -3.90
N THR A 192 12.73 -0.43 -4.22
CA THR A 192 13.90 -0.72 -3.39
C THR A 192 13.71 -0.18 -2.00
N GLU A 193 13.13 1.03 -1.90
CA GLU A 193 12.90 1.62 -0.58
C GLU A 193 11.88 0.81 0.22
N HIS A 194 10.78 0.42 -0.42
CA HIS A 194 9.73 -0.29 0.29
C HIS A 194 10.05 -1.75 0.59
N GLU A 195 11.07 -2.32 -0.05
CA GLU A 195 11.54 -3.63 0.38
C GLU A 195 11.94 -3.62 1.85
N GLU A 196 12.55 -2.52 2.32
CA GLU A 196 12.99 -2.41 3.71
C GLU A 196 12.07 -1.56 4.56
N ALA A 197 11.57 -0.43 4.04
CA ALA A 197 10.84 0.51 4.87
C ALA A 197 9.61 -0.14 5.49
N ASP A 198 8.90 -0.94 4.71
CA ASP A 198 7.64 -1.49 5.19
C ASP A 198 7.81 -2.74 6.03
N VAL A 199 9.03 -3.26 6.18
CA VAL A 199 9.26 -4.22 7.26
C VAL A 199 9.11 -3.52 8.60
N ARG A 200 9.77 -2.38 8.76
CA ARG A 200 9.63 -1.58 9.96
C ARG A 200 8.18 -1.13 10.16
N HIS A 201 7.54 -0.67 9.09
CA HIS A 201 6.22 -0.07 9.21
C HIS A 201 5.19 -1.09 9.69
N ALA A 202 5.24 -2.31 9.15
CA ALA A 202 4.30 -3.35 9.55
C ALA A 202 4.55 -3.81 10.99
N ARG A 203 5.83 -3.88 11.39
CA ARG A 203 6.16 -4.17 12.78
C ARG A 203 5.65 -3.07 13.71
N GLU A 204 5.82 -1.80 13.32
CA GLU A 204 5.29 -0.72 14.14
C GLU A 204 3.76 -0.69 14.11
N GLU A 205 3.15 -1.06 12.98
CA GLU A 205 1.70 -1.06 12.90
C GLU A 205 1.12 -2.22 13.71
N LYS A 206 1.73 -3.39 13.60
CA LYS A 206 1.29 -4.50 14.43
C LYS A 206 1.36 -4.11 15.91
N ALA A 207 2.42 -3.41 16.31
CA ALA A 207 2.50 -2.92 17.69
C ALA A 207 1.47 -1.84 17.97
N LEU A 208 1.20 -0.94 17.00
CA LEU A 208 0.19 0.09 17.20
C LEU A 208 -1.20 -0.52 17.41
N ILE A 209 -1.52 -1.60 16.68
CA ILE A 209 -2.84 -2.23 16.80
C ILE A 209 -3.06 -2.71 18.23
N GLU A 210 -2.06 -3.34 18.82
CA GLU A 210 -2.12 -3.75 20.22
C GLU A 210 -2.32 -2.55 21.17
N MET A 211 -1.52 -1.49 21.01
CA MET A 211 -1.61 -0.37 21.95
C MET A 211 -2.90 0.42 21.83
N LEU A 212 -3.60 0.32 20.71
CA LEU A 212 -4.82 1.09 20.51
C LEU A 212 -6.09 0.25 20.64
N LEU A 213 -5.96 -1.08 20.78
CA LEU A 213 -7.12 -1.95 20.93
C LEU A 213 -8.00 -1.50 22.10
N LYS A 214 -9.30 -1.46 21.84
CA LYS A 214 -10.30 -1.00 22.80
C LYS A 214 -11.48 -1.93 22.65
N ASP A 215 -11.22 -3.20 22.91
CA ASP A 215 -12.21 -4.28 22.76
C ASP A 215 -12.84 -4.27 21.37
N ASP A 216 -12.00 -4.06 20.34
CA ASP A 216 -12.49 -3.96 18.97
C ASP A 216 -11.64 -4.77 18.00
N ALA A 217 -11.10 -5.89 18.44
CA ALA A 217 -10.41 -6.80 17.53
C ALA A 217 -11.33 -7.29 16.41
N ASP A 218 -12.65 -7.23 16.61
CA ASP A 218 -13.59 -7.57 15.53
C ASP A 218 -13.46 -6.58 14.38
N LYS A 219 -13.36 -5.28 14.67
CA LYS A 219 -13.20 -4.33 13.59
C LYS A 219 -11.83 -4.49 12.94
N VAL A 220 -10.81 -4.85 13.73
CA VAL A 220 -9.50 -5.08 13.16
C VAL A 220 -9.58 -6.10 12.03
N LEU A 221 -10.28 -7.22 12.29
CA LEU A 221 -10.37 -8.26 11.27
C LEU A 221 -11.36 -7.87 10.20
N GLU A 222 -12.45 -7.22 10.59
CA GLU A 222 -13.38 -6.71 9.59
C GLU A 222 -12.66 -5.80 8.62
N ALA A 223 -11.81 -4.90 9.14
CA ALA A 223 -11.03 -4.04 8.27
C ALA A 223 -10.09 -4.85 7.39
N SER A 224 -9.41 -5.83 7.97
CA SER A 224 -8.49 -6.67 7.21
C SER A 224 -9.19 -7.31 6.03
N GLN A 225 -10.34 -7.97 6.29
CA GLN A 225 -11.10 -8.57 5.19
C GLN A 225 -11.40 -7.53 4.13
N GLU A 226 -11.88 -6.35 4.55
CA GLU A 226 -12.31 -5.35 3.59
C GLU A 226 -11.16 -4.82 2.74
N VAL A 227 -10.06 -4.41 3.39
CA VAL A 227 -8.90 -3.90 2.65
C VAL A 227 -8.37 -4.96 1.68
N THR A 228 -8.16 -6.20 2.16
CA THR A 228 -7.59 -7.23 1.30
C THR A 228 -8.44 -7.49 0.07
N GLN A 229 -9.77 -7.59 0.23
CA GLN A 229 -10.63 -7.78 -0.93
C GLN A 229 -10.58 -6.56 -1.85
N SER A 230 -10.80 -5.36 -1.29
CA SER A 230 -10.65 -4.11 -2.02
C SER A 230 -9.38 -4.08 -2.87
N LEU A 231 -8.27 -4.57 -2.32
CA LEU A 231 -7.05 -4.63 -3.12
C LEU A 231 -7.18 -5.62 -4.27
N TYR A 232 -8.00 -6.64 -4.12
CA TYR A 232 -8.16 -7.61 -5.21
C TYR A 232 -8.96 -6.99 -6.35
N GLY A 233 -10.06 -6.32 -6.01
CA GLY A 233 -10.81 -5.58 -7.01
C GLY A 233 -9.99 -4.55 -7.74
N PHE A 234 -9.03 -3.90 -7.07
CA PHE A 234 -8.18 -2.94 -7.77
C PHE A 234 -7.30 -3.66 -8.77
N LEU A 235 -6.72 -4.78 -8.37
CA LEU A 235 -5.91 -5.55 -9.30
C LEU A 235 -6.78 -6.16 -10.40
N ASP A 236 -8.02 -6.57 -10.07
CA ASP A 236 -8.95 -7.07 -11.06
C ASP A 236 -9.15 -6.10 -12.21
N SER A 237 -9.13 -4.79 -11.92
CA SER A 237 -9.47 -3.79 -12.91
C SER A 237 -8.63 -3.90 -14.18
N PHE A 238 -7.38 -4.36 -14.07
CA PHE A 238 -6.47 -4.35 -15.22
C PHE A 238 -6.57 -5.61 -16.08
N LEU A 239 -7.70 -6.34 -16.01
CA LEU A 239 -7.89 -7.54 -16.81
C LEU A 239 -9.28 -7.56 -17.47
FE FE2 B . 5.53 4.12 1.63
FE FE2 C . 4.89 2.32 4.19
#